data_6CPH
#
_entry.id   6CPH
#
_cell.length_a   74.124
_cell.length_b   74.124
_cell.length_c   193.244
_cell.angle_alpha   90.00
_cell.angle_beta   90.00
_cell.angle_gamma   90.00
#
_symmetry.space_group_name_H-M   'P 43 21 2'
#
loop_
_entity.id
_entity.type
_entity.pdbx_description
1 polymer 'TCR alpha chain'
2 polymer 'TCR beta chain'
3 non-polymer 'SULFATE ION'
4 non-polymer 'ACETATE ION'
5 water water
#
loop_
_entity_poly.entity_id
_entity_poly.type
_entity_poly.pdbx_seq_one_letter_code
_entity_poly.pdbx_strand_id
1 'polypeptide(L)'
;ILNVEQSPQSLHVQEGDSTNFTCSFPSSNFYALHWYRWETAKSPEALFVMTLNGDEKKKGRISATLNTKEGYSYLYIKGS
QPEDSATYLCAFKAAGNKLTFGGGTRVLVKPNIQNPDPAVYQLRDSKSSDKSVCLFTDFDSQTNVSQSKDSDVYITDKCV
LDMRSMDFKSNSAVAWSNKSDFACANAFNNSIIPEDTFFPSPESS
;
D
2 'polypeptide(L)'
;EPEVTQTPSHQVTQMGQEVILRCVPISNHLYFYWYRQILGQKVEFLVSFYNNEISEKSEIFDDQFSVERPDGSNFTLKIR
STKLEDSAMYFCASSRLAGGMDEQFFGPGTRLTVLEDLKNVFPPEVAVFEPSEAEISHTQKATLVCLATGFYPDHVELSW
WVNGKEVHSGVCTDPQPLKEQPALNDSRYALSSRLRVSATFWQNPRNHFRCQVQFYGLSENDEWTQDRAKPVTQIVSAEA
WGRAD
;
E
#
# COMPACT_ATOMS: atom_id res chain seq x y z
N LEU A 2 -3.19 -2.36 27.99
CA LEU A 2 -3.40 -0.95 27.66
C LEU A 2 -2.32 -0.45 26.68
N ASN A 3 -1.02 -0.63 27.00
CA ASN A 3 0.05 -0.21 26.09
C ASN A 3 0.96 -1.37 25.60
N VAL A 4 1.11 -1.46 24.27
CA VAL A 4 1.99 -2.40 23.59
C VAL A 4 3.03 -1.53 22.85
N GLU A 5 4.33 -1.72 23.16
CA GLU A 5 5.42 -0.95 22.56
C GLU A 5 6.17 -1.79 21.54
N GLN A 6 6.62 -1.17 20.45
CA GLN A 6 7.44 -1.83 19.44
C GLN A 6 8.60 -0.91 19.11
N SER A 7 9.83 -1.47 19.09
CA SER A 7 11.05 -0.71 18.78
C SER A 7 12.18 -1.64 18.30
N PRO A 8 13.05 -1.19 17.34
CA PRO A 8 12.96 0.07 16.57
C PRO A 8 11.65 0.18 15.77
N GLN A 9 11.11 1.40 15.60
CA GLN A 9 9.86 1.66 14.85
C GLN A 9 10.09 1.53 13.32
N SER A 10 11.32 1.80 12.89
CA SER A 10 11.71 1.77 11.49
C SER A 10 13.14 1.21 11.32
N LEU A 11 13.32 0.26 10.40
CA LEU A 11 14.65 -0.34 10.14
C LEU A 11 14.88 -0.53 8.65
N HIS A 12 16.12 -0.33 8.19
CA HIS A 12 16.50 -0.59 6.82
C HIS A 12 17.50 -1.75 6.88
N VAL A 13 17.36 -2.71 5.98
CA VAL A 13 18.22 -3.87 5.94
C VAL A 13 18.52 -4.20 4.47
N GLN A 14 19.75 -4.59 4.15
CA GLN A 14 20.10 -4.99 2.79
C GLN A 14 19.65 -6.44 2.54
N GLU A 15 19.13 -6.72 1.33
CA GLU A 15 18.71 -8.07 0.95
C GLU A 15 19.83 -9.09 1.27
N GLY A 16 19.44 -10.12 2.02
CA GLY A 16 20.37 -11.17 2.40
C GLY A 16 20.86 -11.04 3.84
N ASP A 17 20.74 -9.83 4.43
CA ASP A 17 21.17 -9.58 5.81
C ASP A 17 20.04 -9.88 6.78
N SER A 18 20.39 -10.12 8.04
CA SER A 18 19.42 -10.44 9.09
C SER A 18 19.05 -9.22 9.92
N THR A 19 17.93 -9.28 10.65
CA THR A 19 17.54 -8.18 11.52
C THR A 19 16.63 -8.72 12.60
N ASN A 20 16.44 -7.94 13.64
CA ASN A 20 15.55 -8.29 14.74
C ASN A 20 15.04 -7.01 15.38
N PHE A 21 13.98 -7.13 16.16
CA PHE A 21 13.32 -6.02 16.82
C PHE A 21 12.41 -6.59 17.88
N THR A 22 11.91 -5.72 18.76
CA THR A 22 11.15 -6.19 19.93
C THR A 22 9.75 -5.61 20.06
N CYS A 23 8.95 -6.32 20.85
CA CYS A 23 7.59 -5.97 21.20
C CYS A 23 7.47 -6.18 22.68
N SER A 24 6.90 -5.19 23.37
CA SER A 24 6.66 -5.23 24.82
CA SER A 24 6.68 -5.22 24.80
C SER A 24 5.18 -5.12 25.09
N PHE A 25 4.69 -5.91 26.04
CA PHE A 25 3.29 -5.99 26.37
C PHE A 25 3.09 -6.25 27.88
N PRO A 26 1.85 -6.10 28.40
CA PRO A 26 1.63 -6.37 29.85
C PRO A 26 1.83 -7.83 30.22
N SER A 27 2.51 -8.11 31.34
CA SER A 27 2.67 -9.47 31.84
C SER A 27 1.36 -9.86 32.58
N SER A 28 0.72 -8.87 33.23
CA SER A 28 -0.54 -9.13 33.94
C SER A 28 -1.64 -9.52 32.93
N ASN A 29 -2.36 -10.64 33.20
CA ASN A 29 -3.47 -11.17 32.38
C ASN A 29 -3.11 -11.59 30.95
N PHE A 30 -1.84 -11.90 30.69
CA PHE A 30 -1.42 -12.38 29.37
C PHE A 30 -2.06 -13.72 29.02
N TYR A 31 -2.63 -13.82 27.80
CA TYR A 31 -3.15 -15.07 27.25
C TYR A 31 -2.44 -15.42 25.96
N ALA A 32 -2.21 -14.45 25.04
CA ALA A 32 -1.51 -14.73 23.81
C ALA A 32 -0.85 -13.51 23.19
N LEU A 33 0.11 -13.79 22.32
CA LEU A 33 0.81 -12.79 21.53
C LEU A 33 0.73 -13.24 20.08
N HIS A 34 0.36 -12.31 19.22
CA HIS A 34 0.20 -12.55 17.80
C HIS A 34 1.20 -11.68 17.07
N TRP A 35 1.83 -12.21 16.04
CA TRP A 35 2.72 -11.43 15.16
C TRP A 35 2.13 -11.47 13.75
N TYR A 36 2.12 -10.30 13.08
CA TYR A 36 1.67 -10.20 11.69
C TYR A 36 2.72 -9.47 10.84
N ARG A 37 2.75 -9.79 9.55
CA ARG A 37 3.54 -9.09 8.56
C ARG A 37 2.53 -8.45 7.61
N TRP A 38 2.49 -7.12 7.62
CA TRP A 38 1.58 -6.38 6.78
C TRP A 38 2.33 -5.65 5.66
N GLU A 39 2.26 -6.23 4.45
CA GLU A 39 2.86 -5.67 3.25
C GLU A 39 1.87 -4.69 2.62
N THR A 40 2.40 -3.62 1.99
CA THR A 40 1.65 -2.55 1.33
C THR A 40 0.54 -3.10 0.43
N ALA A 41 -0.69 -2.64 0.70
CA ALA A 41 -1.93 -2.98 -0.01
C ALA A 41 -2.22 -4.49 -0.10
N LYS A 42 -1.88 -5.23 0.97
CA LYS A 42 -2.16 -6.67 1.08
C LYS A 42 -2.87 -6.91 2.43
N SER A 43 -3.40 -8.13 2.65
CA SER A 43 -4.00 -8.45 3.94
C SER A 43 -2.87 -8.63 4.98
N PRO A 44 -2.97 -8.07 6.22
CA PRO A 44 -1.96 -8.38 7.25
C PRO A 44 -1.87 -9.90 7.38
N GLU A 45 -0.65 -10.45 7.19
CA GLU A 45 -0.42 -11.89 7.19
C GLU A 45 -0.12 -12.42 8.59
N ALA A 46 -0.91 -13.39 9.07
CA ALA A 46 -0.64 -13.97 10.38
C ALA A 46 0.62 -14.87 10.34
N LEU A 47 1.60 -14.58 11.21
CA LEU A 47 2.86 -15.32 11.24
C LEU A 47 2.77 -16.47 12.25
N PHE A 48 2.42 -16.15 13.50
CA PHE A 48 2.30 -17.14 14.58
C PHE A 48 1.62 -16.55 15.82
N VAL A 49 1.07 -17.46 16.65
CA VAL A 49 0.44 -17.14 17.94
C VAL A 49 1.31 -17.84 18.97
N MET A 50 1.67 -17.08 20.01
CA MET A 50 2.51 -17.61 21.06
C MET A 50 1.80 -17.50 22.40
N THR A 51 1.78 -18.61 23.17
CA THR A 51 1.11 -18.62 24.48
C THR A 51 2.06 -19.07 25.62
N LEU A 52 2.99 -19.99 25.33
CA LEU A 52 3.89 -20.58 26.34
C LEU A 52 5.15 -19.78 26.55
N ASN A 53 5.46 -19.47 27.81
CA ASN A 53 6.68 -18.74 28.19
C ASN A 53 7.91 -19.56 27.76
N GLY A 54 8.87 -18.88 27.14
CA GLY A 54 10.12 -19.48 26.68
C GLY A 54 10.01 -20.15 25.32
N ASP A 55 8.83 -20.05 24.71
CA ASP A 55 8.58 -20.64 23.40
C ASP A 55 9.29 -19.87 22.29
N GLU A 56 9.52 -20.54 21.18
CA GLU A 56 10.06 -19.97 19.96
C GLU A 56 9.24 -20.59 18.83
N LYS A 57 8.72 -19.75 17.95
CA LYS A 57 7.98 -20.19 16.79
C LYS A 57 8.73 -19.73 15.55
N LYS A 58 8.52 -20.46 14.45
CA LYS A 58 9.14 -20.16 13.16
C LYS A 58 8.11 -20.24 12.04
N LYS A 59 8.22 -19.31 11.06
CA LYS A 59 7.45 -19.35 9.81
C LYS A 59 8.48 -18.98 8.72
N GLY A 60 9.10 -20.01 8.13
CA GLY A 60 10.14 -19.84 7.11
C GLY A 60 11.40 -19.24 7.71
N ARG A 61 11.80 -18.09 7.19
CA ARG A 61 13.00 -17.37 7.66
C ARG A 61 12.71 -16.45 8.87
N ILE A 62 11.42 -16.38 9.30
CA ILE A 62 10.99 -15.52 10.38
C ILE A 62 10.82 -16.33 11.67
N SER A 63 11.36 -15.84 12.78
CA SER A 63 11.16 -16.53 14.05
C SER A 63 10.85 -15.55 15.13
N ALA A 64 10.17 -16.01 16.20
CA ALA A 64 9.89 -15.15 17.35
C ALA A 64 9.99 -15.91 18.66
N THR A 65 10.17 -15.17 19.75
CA THR A 65 10.34 -15.71 21.10
C THR A 65 9.35 -15.08 22.02
N LEU A 66 9.05 -15.76 23.14
CA LEU A 66 8.11 -15.23 24.11
C LEU A 66 8.63 -15.26 25.55
N ASN A 67 8.62 -14.10 26.21
CA ASN A 67 8.92 -13.95 27.64
C ASN A 67 7.67 -13.34 28.30
N THR A 68 6.84 -14.19 28.92
CA THR A 68 5.57 -13.77 29.55
C THR A 68 5.75 -13.05 30.88
N LYS A 69 6.84 -13.36 31.60
CA LYS A 69 7.15 -12.80 32.92
C LYS A 69 7.54 -11.34 32.84
N GLU A 70 8.50 -11.04 31.93
N GLU A 70 8.45 -10.95 31.93
CA GLU A 70 9.10 -9.72 31.64
CA GLU A 70 8.80 -9.53 31.80
C GLU A 70 8.26 -8.92 30.58
C GLU A 70 7.89 -8.84 30.81
N GLY A 71 7.36 -9.63 29.88
CA GLY A 71 6.43 -9.08 28.88
C GLY A 71 7.10 -8.56 27.63
N TYR A 72 7.85 -9.41 26.95
CA TYR A 72 8.48 -9.03 25.68
C TYR A 72 8.70 -10.20 24.73
N SER A 73 8.81 -9.87 23.44
CA SER A 73 9.04 -10.82 22.38
C SER A 73 10.07 -10.22 21.41
N TYR A 74 10.96 -11.08 20.92
CA TYR A 74 11.91 -10.72 19.88
C TYR A 74 11.41 -11.36 18.60
N LEU A 75 11.47 -10.62 17.47
CA LEU A 75 11.16 -11.10 16.12
C LEU A 75 12.47 -11.01 15.33
N TYR A 76 12.86 -12.11 14.67
CA TYR A 76 14.06 -12.29 13.87
C TYR A 76 13.72 -12.60 12.45
N ILE A 77 14.42 -11.93 11.53
CA ILE A 77 14.31 -12.13 10.10
C ILE A 77 15.68 -12.61 9.64
N LYS A 78 15.76 -13.85 9.15
CA LYS A 78 17.03 -14.40 8.67
C LYS A 78 17.09 -14.24 7.15
N GLY A 79 18.22 -13.74 6.64
CA GLY A 79 18.45 -13.55 5.20
C GLY A 79 17.29 -12.87 4.51
N SER A 80 17.01 -11.61 4.93
CA SER A 80 15.90 -10.79 4.44
CA SER A 80 15.90 -10.80 4.44
C SER A 80 15.76 -10.83 2.92
N GLN A 81 14.54 -10.97 2.48
CA GLN A 81 14.15 -11.03 1.07
C GLN A 81 13.18 -9.88 0.75
N PRO A 82 13.01 -9.53 -0.54
CA PRO A 82 12.08 -8.44 -0.90
C PRO A 82 10.71 -8.47 -0.24
N GLU A 83 10.06 -9.67 -0.16
CA GLU A 83 8.73 -9.88 0.47
C GLU A 83 8.66 -9.59 1.97
N ASP A 84 9.84 -9.41 2.60
CA ASP A 84 9.94 -9.11 4.02
C ASP A 84 9.79 -7.62 4.28
N SER A 85 9.74 -6.78 3.19
CA SER A 85 9.51 -5.33 3.32
C SER A 85 8.05 -5.16 3.74
N ALA A 86 7.83 -4.79 5.00
CA ALA A 86 6.48 -4.71 5.55
C ALA A 86 6.50 -4.02 6.89
N THR A 87 5.30 -3.80 7.45
CA THR A 87 5.14 -3.37 8.84
C THR A 87 4.84 -4.64 9.64
N TYR A 88 5.66 -4.91 10.68
CA TYR A 88 5.50 -6.07 11.54
C TYR A 88 4.74 -5.66 12.77
N LEU A 89 3.52 -6.20 12.90
CA LEU A 89 2.62 -5.84 13.99
C LEU A 89 2.52 -6.90 15.04
N CYS A 90 2.67 -6.49 16.29
CA CYS A 90 2.50 -7.44 17.39
CA CYS A 90 2.58 -7.33 17.44
C CYS A 90 1.23 -7.04 18.13
N ALA A 91 0.54 -8.05 18.65
CA ALA A 91 -0.73 -7.76 19.33
C ALA A 91 -0.92 -8.74 20.48
N PHE A 92 -1.35 -8.21 21.61
CA PHE A 92 -1.55 -8.91 22.88
C PHE A 92 -3.04 -9.25 23.08
N LYS A 93 -3.32 -10.49 23.51
CA LYS A 93 -4.66 -10.90 23.91
C LYS A 93 -4.62 -11.20 25.41
N ALA A 94 -5.61 -10.69 26.11
CA ALA A 94 -5.84 -10.93 27.53
C ALA A 94 -7.03 -11.96 27.55
N ALA A 95 -7.87 -12.01 28.62
CA ALA A 95 -8.97 -13.00 28.67
C ALA A 95 -10.04 -12.81 27.58
N GLY A 96 -10.36 -11.55 27.29
CA GLY A 96 -11.32 -11.15 26.26
C GLY A 96 -10.94 -11.53 24.83
N ASN A 97 -11.87 -11.36 23.87
CA ASN A 97 -11.61 -11.69 22.45
C ASN A 97 -10.65 -10.70 21.80
N LYS A 98 -10.65 -9.45 22.25
CA LYS A 98 -9.88 -8.41 21.57
C LYS A 98 -8.36 -8.47 21.60
N LEU A 99 -7.75 -8.14 20.45
CA LEU A 99 -6.30 -7.96 20.37
C LEU A 99 -5.99 -6.48 20.58
N THR A 100 -4.90 -6.16 21.31
CA THR A 100 -4.37 -4.82 21.54
C THR A 100 -3.04 -4.79 20.78
N PHE A 101 -2.93 -3.89 19.80
CA PHE A 101 -1.79 -3.76 18.90
C PHE A 101 -0.72 -2.76 19.33
N GLY A 102 0.52 -3.08 18.95
CA GLY A 102 1.67 -2.20 19.04
C GLY A 102 1.66 -1.34 17.78
N GLY A 103 2.53 -0.34 17.73
CA GLY A 103 2.60 0.60 16.60
C GLY A 103 3.38 0.10 15.39
N GLY A 104 3.88 -1.13 15.49
CA GLY A 104 4.62 -1.80 14.43
C GLY A 104 6.07 -1.39 14.25
N THR A 105 6.82 -2.27 13.59
CA THR A 105 8.19 -2.06 13.13
C THR A 105 8.13 -2.12 11.60
N ARG A 106 8.45 -1.00 10.94
CA ARG A 106 8.46 -0.90 9.48
C ARG A 106 9.85 -1.30 8.98
N VAL A 107 9.90 -2.40 8.23
CA VAL A 107 11.13 -2.96 7.69
C VAL A 107 11.22 -2.72 6.18
N LEU A 108 12.30 -2.05 5.75
CA LEU A 108 12.57 -1.81 4.34
C LEU A 108 13.79 -2.65 3.98
N VAL A 109 13.57 -3.62 3.09
CA VAL A 109 14.62 -4.50 2.61
C VAL A 109 15.09 -3.91 1.27
N LYS A 110 16.30 -3.35 1.27
CA LYS A 110 16.91 -2.75 0.06
C LYS A 110 17.36 -3.86 -0.89
N PRO A 111 17.04 -3.77 -2.20
CA PRO A 111 17.38 -4.85 -3.12
C PRO A 111 18.86 -4.94 -3.45
N ASN A 112 19.34 -6.16 -3.72
CA ASN A 112 20.65 -6.39 -4.28
C ASN A 112 20.55 -6.01 -5.77
N ILE A 113 21.27 -4.97 -6.18
CA ILE A 113 21.25 -4.51 -7.57
C ILE A 113 22.49 -5.04 -8.26
N GLN A 114 22.27 -5.92 -9.21
CA GLN A 114 23.30 -6.54 -10.01
C GLN A 114 23.68 -5.64 -11.16
N ASN A 115 24.99 -5.43 -11.32
CA ASN A 115 25.57 -4.61 -12.40
C ASN A 115 24.86 -3.23 -12.52
N PRO A 116 24.91 -2.37 -11.47
CA PRO A 116 24.27 -1.04 -11.57
C PRO A 116 24.81 -0.27 -12.76
N ASP A 117 23.88 0.35 -13.48
CA ASP A 117 24.14 1.12 -14.70
C ASP A 117 23.29 2.41 -14.60
N PRO A 118 23.58 3.30 -13.60
CA PRO A 118 22.73 4.48 -13.39
C PRO A 118 22.61 5.33 -14.63
N ALA A 119 21.40 5.81 -14.88
CA ALA A 119 21.10 6.60 -16.06
C ALA A 119 19.87 7.44 -15.84
N VAL A 120 19.81 8.57 -16.55
CA VAL A 120 18.67 9.48 -16.53
C VAL A 120 18.17 9.60 -17.96
N TYR A 121 16.98 9.04 -18.22
CA TYR A 121 16.36 9.03 -19.54
C TYR A 121 15.16 9.96 -19.60
N GLN A 122 14.83 10.44 -20.83
CA GLN A 122 13.66 11.25 -21.08
C GLN A 122 12.70 10.41 -21.88
N LEU A 123 11.45 10.34 -21.41
CA LEU A 123 10.40 9.55 -22.02
C LEU A 123 9.34 10.51 -22.52
N ARG A 124 8.88 10.30 -23.74
CA ARG A 124 7.84 11.16 -24.31
CA ARG A 124 7.85 11.13 -24.37
C ARG A 124 6.47 10.50 -24.22
N ASP A 125 5.42 11.33 -24.11
CA ASP A 125 4.04 10.87 -24.01
C ASP A 125 3.69 10.01 -25.26
N SER A 126 2.95 8.89 -25.07
CA SER A 126 2.50 8.03 -26.18
C SER A 126 1.51 8.80 -27.07
N LYS A 127 0.74 9.73 -26.47
CA LYS A 127 -0.23 10.56 -27.16
C LYS A 127 0.48 11.75 -27.78
N SER A 128 -0.18 12.42 -28.75
CA SER A 128 0.34 13.62 -29.41
C SER A 128 0.17 14.79 -28.42
N SER A 129 1.17 14.97 -27.57
CA SER A 129 1.24 16.08 -26.62
C SER A 129 2.70 16.37 -26.62
N ASP A 130 3.09 17.45 -26.03
CA ASP A 130 4.50 17.77 -25.99
C ASP A 130 5.10 17.41 -24.62
N LYS A 131 4.36 16.62 -23.81
CA LYS A 131 4.76 16.20 -22.46
C LYS A 131 5.87 15.17 -22.46
N SER A 132 6.67 15.20 -21.38
CA SER A 132 7.76 14.27 -21.13
C SER A 132 8.01 14.07 -19.61
N VAL A 133 8.65 12.96 -19.25
CA VAL A 133 9.06 12.67 -17.88
C VAL A 133 10.53 12.28 -17.88
N CYS A 134 11.22 12.48 -16.75
CA CYS A 134 12.61 12.07 -16.59
C CYS A 134 12.61 10.84 -15.71
N LEU A 135 13.37 9.80 -16.13
CA LEU A 135 13.45 8.56 -15.36
C LEU A 135 14.87 8.29 -14.93
N PHE A 136 15.12 8.33 -13.61
CA PHE A 136 16.43 8.00 -13.05
C PHE A 136 16.32 6.54 -12.70
N THR A 137 17.16 5.70 -13.30
CA THR A 137 17.06 4.26 -13.11
C THR A 137 18.40 3.54 -13.05
N ASP A 138 18.32 2.29 -12.60
CA ASP A 138 19.42 1.31 -12.57
C ASP A 138 20.56 1.67 -11.64
N PHE A 139 20.30 2.48 -10.61
CA PHE A 139 21.28 2.86 -9.58
C PHE A 139 21.19 1.82 -8.45
N ASP A 140 22.30 1.58 -7.71
CA ASP A 140 22.27 0.62 -6.60
C ASP A 140 21.62 1.24 -5.36
N SER A 141 21.45 0.43 -4.29
CA SER A 141 20.77 0.86 -3.06
C SER A 141 21.48 1.88 -2.15
N GLN A 142 22.66 2.35 -2.56
CA GLN A 142 23.38 3.37 -1.83
C GLN A 142 22.74 4.74 -2.14
N THR A 143 22.15 4.89 -3.37
CA THR A 143 21.55 6.15 -3.82
C THR A 143 20.20 6.48 -3.19
N ASN A 144 20.10 7.71 -2.67
CA ASN A 144 18.87 8.27 -2.14
C ASN A 144 18.40 9.33 -3.13
N VAL A 145 17.10 9.38 -3.36
CA VAL A 145 16.50 10.33 -4.29
C VAL A 145 15.90 11.45 -3.45
N SER A 146 16.55 12.61 -3.51
CA SER A 146 16.14 13.77 -2.73
C SER A 146 15.00 14.52 -3.41
N GLN A 147 14.23 15.24 -2.61
CA GLN A 147 13.15 16.05 -3.13
C GLN A 147 13.68 17.31 -3.81
N SER A 148 12.84 17.87 -4.67
CA SER A 148 13.13 19.08 -5.43
C SER A 148 13.06 20.30 -4.53
N LYS A 149 14.11 21.14 -4.58
CA LYS A 149 14.19 22.40 -3.86
C LYS A 149 13.09 23.36 -4.40
N ASP A 150 12.77 23.23 -5.72
CA ASP A 150 11.77 23.99 -6.48
C ASP A 150 10.37 23.35 -6.32
N SER A 151 9.36 24.19 -6.06
CA SER A 151 7.96 23.79 -5.88
C SER A 151 7.30 23.28 -7.15
N ASP A 152 7.67 23.86 -8.31
CA ASP A 152 7.13 23.44 -9.61
C ASP A 152 7.85 22.23 -10.25
N VAL A 153 8.82 21.61 -9.52
CA VAL A 153 9.52 20.41 -9.97
C VAL A 153 9.03 19.22 -9.09
N TYR A 154 8.44 18.19 -9.73
CA TYR A 154 7.90 17.04 -9.02
C TYR A 154 8.80 15.83 -9.14
N ILE A 155 9.19 15.26 -7.98
CA ILE A 155 10.10 14.11 -7.90
C ILE A 155 9.53 13.03 -7.01
N THR A 156 9.41 11.83 -7.56
CA THR A 156 8.86 10.70 -6.81
C THR A 156 9.97 10.05 -6.00
N ASP A 157 9.62 9.25 -4.98
CA ASP A 157 10.64 8.51 -4.26
C ASP A 157 10.97 7.26 -5.12
N LYS A 158 12.07 6.59 -4.82
CA LYS A 158 12.47 5.40 -5.53
C LYS A 158 11.57 4.22 -5.20
N CYS A 159 11.29 3.37 -6.21
CA CYS A 159 10.61 2.09 -6.06
C CYS A 159 11.38 1.04 -6.83
N VAL A 160 11.35 -0.19 -6.35
CA VAL A 160 12.02 -1.32 -6.96
C VAL A 160 11.01 -2.20 -7.70
N LEU A 161 11.30 -2.45 -8.95
CA LEU A 161 10.54 -3.39 -9.78
C LEU A 161 11.39 -4.65 -10.00
N ASP A 162 10.74 -5.78 -10.30
CA ASP A 162 11.39 -7.08 -10.53
C ASP A 162 10.76 -7.72 -11.75
N MET A 163 11.55 -7.79 -12.83
CA MET A 163 11.19 -8.41 -14.09
C MET A 163 11.43 -9.90 -13.91
N ARG A 164 10.35 -10.65 -13.74
CA ARG A 164 10.41 -12.10 -13.55
C ARG A 164 10.78 -12.87 -14.81
N SER A 165 10.61 -12.25 -16.00
CA SER A 165 10.96 -12.86 -17.29
C SER A 165 12.48 -12.98 -17.48
N MET A 166 13.27 -12.40 -16.57
CA MET A 166 14.74 -12.42 -16.62
C MET A 166 15.43 -12.38 -15.26
N ASP A 167 14.65 -12.47 -14.17
CA ASP A 167 15.12 -12.39 -12.78
C ASP A 167 16.09 -11.20 -12.59
N PHE A 168 15.58 -10.02 -12.97
CA PHE A 168 16.26 -8.74 -12.94
C PHE A 168 15.50 -7.74 -12.07
N LYS A 169 16.22 -7.09 -11.13
N LYS A 169 16.22 -7.09 -11.14
CA LYS A 169 15.65 -6.08 -10.25
CA LYS A 169 15.65 -6.06 -10.25
C LYS A 169 16.27 -4.71 -10.53
C LYS A 169 16.27 -4.71 -10.55
N SER A 170 15.45 -3.65 -10.50
CA SER A 170 15.93 -2.28 -10.73
C SER A 170 15.16 -1.27 -9.93
N ASN A 171 15.86 -0.23 -9.49
CA ASN A 171 15.35 0.95 -8.80
C ASN A 171 15.09 2.05 -9.83
N SER A 172 14.13 2.93 -9.54
CA SER A 172 13.86 4.08 -10.39
C SER A 172 13.12 5.15 -9.60
N ALA A 173 13.17 6.39 -10.10
CA ALA A 173 12.46 7.56 -9.58
C ALA A 173 12.11 8.38 -10.80
N VAL A 174 10.92 8.99 -10.79
CA VAL A 174 10.44 9.80 -11.90
C VAL A 174 10.43 11.29 -11.50
N ALA A 175 10.73 12.17 -12.47
CA ALA A 175 10.68 13.61 -12.27
C ALA A 175 9.99 14.26 -13.46
N TRP A 176 9.19 15.28 -13.18
CA TRP A 176 8.57 16.07 -14.25
C TRP A 176 8.36 17.51 -13.79
N SER A 177 8.28 18.43 -14.75
CA SER A 177 8.10 19.84 -14.41
C SER A 177 7.37 20.58 -15.47
N ASN A 178 6.45 21.42 -15.01
CA ASN A 178 5.59 22.33 -15.79
C ASN A 178 6.42 23.41 -16.50
N LYS A 179 7.64 23.70 -15.97
CA LYS A 179 8.62 24.67 -16.47
C LYS A 179 9.02 24.37 -17.92
N SER A 180 8.95 25.40 -18.79
CA SER A 180 9.31 25.28 -20.21
C SER A 180 10.83 25.08 -20.45
N ASP A 181 11.67 25.49 -19.47
CA ASP A 181 13.14 25.46 -19.50
C ASP A 181 13.77 24.20 -18.86
N PHE A 182 12.96 23.38 -18.16
CA PHE A 182 13.37 22.15 -17.46
C PHE A 182 14.10 21.17 -18.38
N ALA A 183 15.09 20.44 -17.82
CA ALA A 183 15.83 19.42 -18.53
C ALA A 183 16.13 18.20 -17.63
N CYS A 184 16.17 16.99 -18.24
CA CYS A 184 16.48 15.76 -17.51
C CYS A 184 17.91 15.74 -16.93
N ALA A 185 18.86 16.43 -17.58
CA ALA A 185 20.25 16.59 -17.13
C ALA A 185 20.36 17.34 -15.77
N ASN A 186 19.39 18.21 -15.43
CA ASN A 186 19.39 18.96 -14.17
C ASN A 186 18.28 18.55 -13.17
N ALA A 187 17.34 17.70 -13.61
CA ALA A 187 16.19 17.22 -12.83
C ALA A 187 16.54 16.71 -11.43
N PHE A 188 17.57 15.86 -11.32
CA PHE A 188 17.99 15.25 -10.05
C PHE A 188 19.22 15.88 -9.41
N ASN A 189 19.44 17.18 -9.69
CA ASN A 189 20.56 18.01 -9.20
C ASN A 189 20.69 18.05 -7.68
N ASN A 190 19.56 18.02 -6.96
CA ASN A 190 19.52 18.06 -5.49
C ASN A 190 19.84 16.70 -4.83
N SER A 191 20.08 15.64 -5.63
CA SER A 191 20.45 14.29 -5.15
C SER A 191 21.91 13.99 -5.45
N ILE A 192 22.55 13.19 -4.58
CA ILE A 192 23.94 12.75 -4.77
C ILE A 192 23.82 11.50 -5.62
N ILE A 193 24.09 11.66 -6.92
CA ILE A 193 23.97 10.61 -7.91
C ILE A 193 25.34 10.07 -8.33
N PRO A 194 25.42 8.79 -8.81
CA PRO A 194 26.73 8.26 -9.19
C PRO A 194 27.44 9.08 -10.26
N GLU A 195 28.76 9.22 -10.10
CA GLU A 195 29.68 9.95 -10.98
C GLU A 195 29.54 9.55 -12.46
N ASP A 196 29.36 8.24 -12.71
CA ASP A 196 29.27 7.62 -14.03
C ASP A 196 27.83 7.51 -14.59
N THR A 197 26.85 8.26 -14.00
CA THR A 197 25.44 8.26 -14.43
C THR A 197 25.39 8.62 -15.92
N PHE A 198 24.71 7.78 -16.70
CA PHE A 198 24.56 7.98 -18.14
C PHE A 198 23.51 9.07 -18.42
N PHE A 199 23.92 10.14 -19.14
CA PHE A 199 23.04 11.21 -19.60
C PHE A 199 23.11 11.16 -21.13
N PRO A 200 22.17 10.47 -21.79
CA PRO A 200 22.25 10.32 -23.26
C PRO A 200 22.31 11.64 -24.01
N SER A 201 22.94 11.61 -25.18
CA SER A 201 23.08 12.77 -26.06
C SER A 201 22.33 12.49 -27.38
N PRO B 2 -7.76 -20.61 2.54
CA PRO B 2 -8.89 -19.74 2.87
C PRO B 2 -8.44 -18.37 3.38
N GLU B 3 -9.15 -17.32 2.93
CA GLU B 3 -8.86 -15.93 3.28
C GLU B 3 -10.11 -15.14 3.54
N VAL B 4 -10.01 -14.15 4.45
CA VAL B 4 -11.09 -13.18 4.73
C VAL B 4 -11.09 -12.19 3.54
N THR B 5 -12.27 -11.90 2.97
CA THR B 5 -12.36 -10.95 1.87
C THR B 5 -13.21 -9.74 2.26
N GLN B 6 -12.85 -8.57 1.70
CA GLN B 6 -13.57 -7.30 1.85
C GLN B 6 -13.48 -6.55 0.52
N THR B 7 -14.60 -5.96 0.13
N THR B 7 -14.60 -5.96 0.11
CA THR B 7 -14.74 -5.13 -1.07
CA THR B 7 -14.74 -5.14 -1.09
C THR B 7 -15.62 -3.92 -0.68
C THR B 7 -15.62 -3.94 -0.70
N PRO B 8 -15.33 -2.68 -1.12
CA PRO B 8 -14.19 -2.27 -1.97
C PRO B 8 -12.95 -2.02 -1.13
N SER B 9 -11.81 -1.85 -1.80
CA SER B 9 -10.56 -1.55 -1.12
C SER B 9 -10.63 -0.13 -0.52
N HIS B 10 -11.44 0.76 -1.14
CA HIS B 10 -11.61 2.18 -0.78
C HIS B 10 -13.04 2.64 -0.97
N GLN B 11 -13.45 3.63 -0.16
CA GLN B 11 -14.77 4.27 -0.19
C GLN B 11 -14.63 5.71 0.25
N VAL B 12 -15.31 6.61 -0.48
CA VAL B 12 -15.33 8.04 -0.16
C VAL B 12 -16.76 8.38 0.23
N THR B 13 -16.92 9.14 1.32
CA THR B 13 -18.24 9.55 1.80
C THR B 13 -18.21 10.99 2.32
N GLN B 14 -19.38 11.63 2.33
CA GLN B 14 -19.44 12.96 2.91
C GLN B 14 -19.79 12.81 4.40
N MET B 15 -19.16 13.61 5.28
CA MET B 15 -19.44 13.57 6.72
C MET B 15 -20.94 13.71 7.01
N GLY B 16 -21.42 12.89 7.94
CA GLY B 16 -22.83 12.82 8.29
C GLY B 16 -23.58 11.72 7.58
N GLN B 17 -23.02 11.16 6.49
CA GLN B 17 -23.70 10.08 5.76
C GLN B 17 -23.46 8.71 6.38
N GLU B 18 -24.36 7.75 6.08
CA GLU B 18 -24.29 6.37 6.57
C GLU B 18 -23.43 5.52 5.64
N VAL B 19 -22.51 4.73 6.21
N VAL B 19 -22.51 4.72 6.23
CA VAL B 19 -21.68 3.80 5.43
CA VAL B 19 -21.59 3.84 5.48
C VAL B 19 -21.82 2.37 5.94
C VAL B 19 -21.75 2.37 5.96
N ILE B 20 -21.91 1.42 5.01
CA ILE B 20 -22.00 0.00 5.33
C ILE B 20 -20.76 -0.67 4.70
N LEU B 21 -19.95 -1.31 5.54
CA LEU B 21 -18.72 -2.01 5.16
C LEU B 21 -18.95 -3.50 5.25
N ARG B 22 -18.56 -4.21 4.19
CA ARG B 22 -18.84 -5.63 4.00
C ARG B 22 -17.63 -6.52 4.03
N CYS B 23 -17.87 -7.71 4.58
CA CYS B 23 -16.88 -8.71 4.84
C CYS B 23 -17.38 -10.11 4.55
N VAL B 24 -16.46 -10.94 4.12
CA VAL B 24 -16.68 -12.37 3.95
C VAL B 24 -15.72 -13.11 4.88
N PRO B 25 -16.16 -13.44 6.11
CA PRO B 25 -15.28 -14.21 7.01
C PRO B 25 -14.93 -15.59 6.40
N ILE B 26 -13.89 -16.26 6.93
CA ILE B 26 -13.52 -17.60 6.51
C ILE B 26 -14.69 -18.52 6.91
N SER B 27 -15.29 -19.20 5.92
CA SER B 27 -16.54 -20.00 6.03
C SER B 27 -16.84 -20.84 7.27
N ASN B 28 -15.82 -21.53 7.81
N ASN B 28 -15.87 -21.54 7.85
CA ASN B 28 -15.91 -22.42 8.98
CA ASN B 28 -16.23 -22.33 9.04
C ASN B 28 -15.51 -21.73 10.31
C ASN B 28 -15.93 -21.62 10.37
N HIS B 29 -15.37 -20.40 10.30
CA HIS B 29 -15.01 -19.64 11.51
C HIS B 29 -16.23 -19.18 12.28
N LEU B 30 -16.15 -19.23 13.61
CA LEU B 30 -17.26 -18.88 14.49
C LEU B 30 -17.20 -17.48 15.08
N TYR B 31 -15.99 -16.90 15.16
CA TYR B 31 -15.77 -15.57 15.72
C TYR B 31 -15.38 -14.60 14.61
N PHE B 32 -16.06 -13.45 14.55
CA PHE B 32 -15.80 -12.41 13.56
C PHE B 32 -15.49 -11.09 14.28
N TYR B 33 -14.63 -10.27 13.68
CA TYR B 33 -14.17 -9.07 14.34
C TYR B 33 -14.07 -7.92 13.39
N TRP B 34 -14.19 -6.66 13.92
CA TRP B 34 -13.89 -5.42 13.21
C TRP B 34 -12.86 -4.66 14.03
N TYR B 35 -11.80 -4.21 13.33
CA TYR B 35 -10.72 -3.35 13.83
C TYR B 35 -10.60 -2.18 12.87
N ARG B 36 -10.08 -1.07 13.35
CA ARG B 36 -9.76 0.03 12.42
C ARG B 36 -8.39 0.64 12.75
N GLN B 37 -7.82 1.34 11.76
CA GLN B 37 -6.58 2.05 11.96
C GLN B 37 -6.68 3.42 11.32
N ILE B 38 -6.66 4.45 12.16
CA ILE B 38 -6.60 5.83 11.68
C ILE B 38 -5.12 6.00 11.28
N LEU B 39 -4.85 6.69 10.15
CA LEU B 39 -3.46 6.89 9.69
C LEU B 39 -2.55 7.44 10.79
N GLY B 40 -1.39 6.78 10.92
CA GLY B 40 -0.35 7.09 11.90
C GLY B 40 -0.66 6.65 13.32
N GLN B 41 -1.81 5.97 13.53
CA GLN B 41 -2.22 5.47 14.85
C GLN B 41 -2.22 3.94 14.83
N LYS B 42 -2.47 3.32 15.99
CA LYS B 42 -2.49 1.88 16.14
C LYS B 42 -3.78 1.26 15.60
N VAL B 43 -3.69 0.00 15.17
CA VAL B 43 -4.87 -0.79 14.76
C VAL B 43 -5.66 -0.95 16.09
N GLU B 44 -6.95 -0.60 16.10
CA GLU B 44 -7.74 -0.61 17.32
C GLU B 44 -8.96 -1.51 17.19
N PHE B 45 -9.26 -2.28 18.25
CA PHE B 45 -10.46 -3.12 18.29
C PHE B 45 -11.76 -2.31 18.25
N LEU B 46 -12.78 -2.81 17.51
CA LEU B 46 -14.11 -2.20 17.47
C LEU B 46 -15.14 -3.11 18.13
N VAL B 47 -15.25 -4.36 17.62
CA VAL B 47 -16.27 -5.32 18.02
C VAL B 47 -15.92 -6.74 17.58
N SER B 48 -16.40 -7.70 18.36
CA SER B 48 -16.29 -9.11 18.04
C SER B 48 -17.72 -9.68 18.08
N PHE B 49 -17.93 -10.78 17.37
CA PHE B 49 -19.27 -11.32 17.15
C PHE B 49 -19.25 -12.84 17.13
N TYR B 50 -20.27 -13.45 17.73
CA TYR B 50 -20.29 -14.89 17.79
C TYR B 50 -21.72 -15.34 17.97
N ASN B 51 -22.07 -16.42 17.25
CA ASN B 51 -23.35 -17.06 17.36
C ASN B 51 -24.52 -16.07 17.29
N ASN B 52 -24.56 -15.26 16.21
CA ASN B 52 -25.65 -14.32 15.95
C ASN B 52 -25.85 -13.15 16.93
N GLU B 53 -24.86 -12.92 17.82
CA GLU B 53 -24.87 -11.83 18.76
C GLU B 53 -23.49 -11.23 18.92
N ILE B 54 -23.45 -9.96 19.36
N ILE B 54 -23.45 -9.98 19.37
CA ILE B 54 -22.18 -9.30 19.69
CA ILE B 54 -22.19 -9.33 19.71
C ILE B 54 -21.54 -10.13 20.80
C ILE B 54 -21.53 -10.16 20.81
N SER B 55 -20.20 -10.17 20.82
CA SER B 55 -19.46 -10.88 21.85
C SER B 55 -18.81 -9.83 22.79
N GLU B 56 -17.99 -8.90 22.23
CA GLU B 56 -17.28 -7.85 22.95
C GLU B 56 -17.27 -6.61 22.05
N LYS B 57 -17.25 -5.42 22.68
CA LYS B 57 -17.19 -4.15 21.95
C LYS B 57 -16.37 -3.13 22.72
N SER B 58 -15.69 -2.24 21.98
CA SER B 58 -14.90 -1.19 22.61
C SER B 58 -15.77 0.07 22.82
N GLU B 59 -15.12 1.14 23.29
CA GLU B 59 -15.69 2.48 23.52
C GLU B 59 -15.93 3.14 22.16
N ILE B 60 -15.01 2.89 21.18
CA ILE B 60 -15.08 3.42 19.80
C ILE B 60 -16.41 2.98 19.14
N PHE B 61 -16.88 1.75 19.47
CA PHE B 61 -18.14 1.19 18.98
C PHE B 61 -19.28 1.84 19.78
N ASP B 62 -19.55 3.13 19.50
CA ASP B 62 -20.53 3.96 20.21
C ASP B 62 -22.03 3.67 19.98
N ASP B 63 -22.79 4.71 19.62
CA ASP B 63 -24.21 4.69 19.29
C ASP B 63 -24.32 4.64 17.75
N GLN B 64 -23.36 5.28 17.05
CA GLN B 64 -23.30 5.31 15.58
C GLN B 64 -22.99 3.94 14.95
N PHE B 65 -22.27 3.06 15.67
CA PHE B 65 -21.91 1.77 15.09
C PHE B 65 -22.94 0.66 15.32
N SER B 66 -23.02 -0.26 14.35
CA SER B 66 -23.84 -1.46 14.47
C SER B 66 -23.24 -2.55 13.61
N VAL B 67 -23.40 -3.79 14.04
N VAL B 67 -23.41 -3.80 14.04
CA VAL B 67 -22.94 -4.94 13.29
CA VAL B 67 -22.88 -4.97 13.37
C VAL B 67 -24.11 -5.78 12.86
C VAL B 67 -24.00 -5.94 12.97
N GLU B 68 -23.96 -6.46 11.73
CA GLU B 68 -24.99 -7.34 11.17
C GLU B 68 -24.42 -8.62 10.60
N ARG B 69 -25.17 -9.70 10.81
CA ARG B 69 -24.88 -11.03 10.30
C ARG B 69 -26.17 -11.42 9.57
N PRO B 70 -26.32 -10.97 8.30
CA PRO B 70 -27.60 -11.15 7.62
C PRO B 70 -27.84 -12.58 7.12
N ASP B 71 -26.75 -13.38 6.96
CA ASP B 71 -26.78 -14.76 6.49
C ASP B 71 -25.55 -15.51 6.96
N GLY B 72 -25.40 -16.77 6.52
CA GLY B 72 -24.23 -17.58 6.88
C GLY B 72 -22.94 -17.24 6.18
N SER B 73 -22.93 -16.22 5.30
CA SER B 73 -21.73 -15.90 4.53
C SER B 73 -21.17 -14.49 4.72
N ASN B 74 -22.04 -13.48 4.84
CA ASN B 74 -21.67 -12.07 4.96
C ASN B 74 -21.64 -11.53 6.41
N PHE B 75 -20.81 -10.49 6.62
CA PHE B 75 -20.68 -9.85 7.91
C PHE B 75 -20.47 -8.37 7.63
N THR B 76 -21.27 -7.53 8.28
CA THR B 76 -21.24 -6.09 7.97
C THR B 76 -21.09 -5.17 9.19
N LEU B 77 -20.47 -4.01 8.96
CA LEU B 77 -20.29 -2.95 9.94
C LEU B 77 -20.92 -1.70 9.36
N LYS B 78 -21.84 -1.12 10.12
CA LYS B 78 -22.55 0.08 9.70
C LYS B 78 -22.09 1.24 10.57
N ILE B 79 -21.82 2.39 9.95
CA ILE B 79 -21.48 3.64 10.64
C ILE B 79 -22.66 4.55 10.32
N ARG B 80 -23.59 4.73 11.29
CA ARG B 80 -24.83 5.49 11.11
C ARG B 80 -24.66 6.92 10.58
N SER B 81 -23.73 7.69 11.16
CA SER B 81 -23.46 9.08 10.78
C SER B 81 -21.95 9.32 10.87
N THR B 82 -21.26 9.29 9.71
CA THR B 82 -19.81 9.43 9.66
C THR B 82 -19.29 10.76 10.16
N LYS B 83 -18.13 10.70 10.81
CA LYS B 83 -17.39 11.86 11.30
C LYS B 83 -16.10 11.93 10.54
N LEU B 84 -15.48 13.11 10.54
CA LEU B 84 -14.16 13.31 9.93
C LEU B 84 -13.11 12.32 10.55
N GLU B 85 -13.24 12.03 11.86
CA GLU B 85 -12.39 11.11 12.63
C GLU B 85 -12.59 9.61 12.26
N ASP B 86 -13.63 9.30 11.45
CA ASP B 86 -13.88 7.92 10.99
C ASP B 86 -13.05 7.52 9.78
N SER B 87 -12.27 8.46 9.19
CA SER B 87 -11.35 8.16 8.08
C SER B 87 -10.31 7.22 8.65
N ALA B 88 -10.24 6.02 8.10
CA ALA B 88 -9.41 4.95 8.62
C ALA B 88 -9.49 3.74 7.70
N MET B 89 -8.57 2.79 7.92
CA MET B 89 -8.56 1.49 7.29
C MET B 89 -9.39 0.59 8.22
N TYR B 90 -10.49 0.02 7.72
CA TYR B 90 -11.38 -0.86 8.48
C TYR B 90 -11.10 -2.30 8.10
N PHE B 91 -10.67 -3.12 9.08
CA PHE B 91 -10.37 -4.52 8.83
C PHE B 91 -11.37 -5.41 9.47
N CYS B 92 -11.76 -6.43 8.74
CA CYS B 92 -12.60 -7.48 9.27
CA CYS B 92 -12.59 -7.44 9.38
C CYS B 92 -11.65 -8.64 9.54
N ALA B 93 -11.89 -9.44 10.57
CA ALA B 93 -11.08 -10.60 10.84
C ALA B 93 -11.99 -11.73 11.29
N SER B 94 -11.46 -12.94 11.32
CA SER B 94 -12.17 -14.11 11.83
C SER B 94 -11.20 -15.13 12.45
N SER B 95 -11.71 -15.92 13.40
CA SER B 95 -10.95 -17.00 14.04
C SER B 95 -11.91 -18.19 14.18
N ARG B 96 -11.37 -19.42 14.15
CA ARG B 96 -12.16 -20.65 14.27
C ARG B 96 -12.91 -20.62 15.62
N LEU B 97 -12.16 -20.40 16.72
CA LEU B 97 -12.70 -20.23 18.07
C LEU B 97 -12.05 -19.01 18.72
N ALA B 98 -12.30 -18.74 20.02
CA ALA B 98 -11.71 -17.58 20.72
C ALA B 98 -10.71 -17.95 21.86
N GLY B 99 -10.08 -19.11 21.73
CA GLY B 99 -9.05 -19.56 22.65
C GLY B 99 -7.74 -18.81 22.46
N GLY B 100 -6.82 -18.98 23.39
CA GLY B 100 -5.49 -18.36 23.37
C GLY B 100 -4.70 -18.66 22.11
N MET B 101 -4.75 -19.92 21.62
CA MET B 101 -4.01 -20.30 20.41
C MET B 101 -4.70 -20.05 19.07
N ASP B 102 -5.92 -19.47 19.10
CA ASP B 102 -6.67 -19.19 17.87
C ASP B 102 -6.15 -17.95 17.15
N GLU B 103 -5.68 -18.14 15.92
CA GLU B 103 -5.23 -17.06 15.06
C GLU B 103 -6.42 -16.21 14.58
N GLN B 104 -6.24 -14.89 14.48
CA GLN B 104 -7.30 -14.01 13.96
C GLN B 104 -6.82 -13.63 12.57
N PHE B 105 -7.48 -14.17 11.55
CA PHE B 105 -7.11 -13.98 10.16
C PHE B 105 -7.72 -12.69 9.66
N PHE B 106 -6.90 -11.78 9.09
CA PHE B 106 -7.34 -10.44 8.68
C PHE B 106 -7.65 -10.36 7.19
N GLY B 107 -8.64 -9.53 6.88
CA GLY B 107 -9.00 -9.21 5.50
C GLY B 107 -8.07 -8.12 4.99
N PRO B 108 -8.22 -7.75 3.71
CA PRO B 108 -7.32 -6.72 3.14
C PRO B 108 -7.69 -5.29 3.52
N GLY B 109 -8.84 -5.13 4.17
CA GLY B 109 -9.33 -3.85 4.63
C GLY B 109 -10.05 -3.02 3.59
N THR B 110 -10.89 -2.10 4.07
CA THR B 110 -11.56 -1.07 3.26
C THR B 110 -11.06 0.26 3.83
N ARG B 111 -10.44 1.09 2.99
CA ARG B 111 -10.00 2.39 3.44
C ARG B 111 -11.13 3.38 3.18
N LEU B 112 -11.67 3.92 4.27
CA LEU B 112 -12.77 4.89 4.23
C LEU B 112 -12.21 6.29 4.37
N THR B 113 -12.58 7.17 3.43
CA THR B 113 -12.20 8.57 3.41
C THR B 113 -13.49 9.39 3.60
N VAL B 114 -13.57 10.11 4.70
CA VAL B 114 -14.72 10.95 5.04
C VAL B 114 -14.35 12.40 4.74
N LEU B 115 -15.11 13.04 3.85
CA LEU B 115 -14.86 14.43 3.48
C LEU B 115 -15.93 15.37 4.02
N GLU B 116 -15.51 16.57 4.47
CA GLU B 116 -16.40 17.62 4.97
C GLU B 116 -17.36 18.08 3.88
N ASP B 117 -16.81 18.28 2.68
CA ASP B 117 -17.49 18.72 1.47
C ASP B 117 -17.01 17.87 0.32
N LEU B 118 -17.80 17.79 -0.76
CA LEU B 118 -17.44 17.00 -1.95
C LEU B 118 -17.11 17.89 -3.16
N LYS B 119 -17.12 19.22 -2.95
CA LYS B 119 -16.88 20.20 -4.00
C LYS B 119 -15.47 20.16 -4.65
N ASN B 120 -14.46 19.65 -3.91
CA ASN B 120 -13.05 19.58 -4.34
C ASN B 120 -12.64 18.20 -4.90
N VAL B 121 -13.63 17.34 -5.14
CA VAL B 121 -13.39 15.97 -5.62
C VAL B 121 -13.21 16.00 -7.14
N PHE B 122 -12.12 15.43 -7.64
CA PHE B 122 -11.81 15.41 -9.07
C PHE B 122 -11.15 14.06 -9.43
N PRO B 123 -11.51 13.47 -10.57
CA PRO B 123 -10.84 12.23 -10.99
C PRO B 123 -9.45 12.54 -11.59
N PRO B 124 -8.59 11.53 -11.79
CA PRO B 124 -7.29 11.80 -12.41
C PRO B 124 -7.36 11.93 -13.92
N GLU B 125 -6.29 12.55 -14.47
CA GLU B 125 -5.91 12.51 -15.88
C GLU B 125 -4.85 11.42 -15.83
N VAL B 126 -4.76 10.62 -16.88
CA VAL B 126 -3.78 9.52 -16.94
C VAL B 126 -3.03 9.62 -18.27
N ALA B 127 -1.71 9.56 -18.19
CA ALA B 127 -0.89 9.55 -19.40
C ALA B 127 0.16 8.45 -19.32
N VAL B 128 0.44 7.80 -20.47
CA VAL B 128 1.46 6.75 -20.61
C VAL B 128 2.61 7.38 -21.41
N PHE B 129 3.83 7.25 -20.88
CA PHE B 129 5.08 7.72 -21.46
C PHE B 129 5.86 6.50 -21.99
N GLU B 130 6.21 6.54 -23.29
CA GLU B 130 6.86 5.45 -23.99
C GLU B 130 8.34 5.30 -23.63
N PRO B 131 8.90 4.07 -23.75
CA PRO B 131 10.32 3.88 -23.40
C PRO B 131 11.28 4.70 -24.26
N SER B 132 12.34 5.20 -23.62
CA SER B 132 13.39 5.97 -24.26
C SER B 132 14.17 5.02 -25.18
N GLU B 133 14.47 5.49 -26.41
CA GLU B 133 15.31 4.71 -27.32
C GLU B 133 16.73 4.50 -26.74
N ALA B 134 17.26 5.51 -25.99
CA ALA B 134 18.57 5.47 -25.33
C ALA B 134 18.63 4.30 -24.34
N GLU B 135 17.57 4.12 -23.54
CA GLU B 135 17.51 3.01 -22.59
C GLU B 135 17.48 1.68 -23.35
N ILE B 136 16.62 1.57 -24.39
CA ILE B 136 16.50 0.37 -25.23
C ILE B 136 17.90 -0.06 -25.79
N SER B 137 18.65 0.90 -26.36
CA SER B 137 19.97 0.60 -26.95
C SER B 137 21.05 0.34 -25.90
N HIS B 138 20.93 0.98 -24.73
CA HIS B 138 21.88 0.87 -23.62
C HIS B 138 21.74 -0.40 -22.80
N THR B 139 20.49 -0.81 -22.55
CA THR B 139 20.18 -1.92 -21.64
C THR B 139 19.49 -3.13 -22.23
N GLN B 140 18.86 -2.99 -23.43
CA GLN B 140 17.98 -4.00 -24.04
C GLN B 140 16.70 -4.22 -23.17
N LYS B 141 16.38 -3.20 -22.36
CA LYS B 141 15.18 -3.13 -21.53
C LYS B 141 14.39 -1.88 -21.91
N ALA B 142 13.09 -1.86 -21.60
CA ALA B 142 12.18 -0.80 -21.98
C ALA B 142 11.20 -0.50 -20.86
N THR B 143 11.32 0.70 -20.28
CA THR B 143 10.46 1.13 -19.16
C THR B 143 9.42 2.12 -19.66
N LEU B 144 8.14 1.80 -19.42
CA LEU B 144 7.02 2.70 -19.66
C LEU B 144 6.73 3.38 -18.30
N VAL B 145 6.25 4.62 -18.35
CA VAL B 145 5.87 5.34 -17.14
C VAL B 145 4.41 5.78 -17.25
N CYS B 146 3.63 5.52 -16.21
CA CYS B 146 2.27 6.02 -16.13
C CYS B 146 2.23 7.14 -15.09
N LEU B 147 1.53 8.21 -15.41
CA LEU B 147 1.38 9.36 -14.53
C LEU B 147 -0.11 9.67 -14.37
N ALA B 148 -0.65 9.50 -13.16
CA ALA B 148 -2.03 9.86 -12.85
C ALA B 148 -1.94 11.22 -12.15
N THR B 149 -2.69 12.22 -12.62
CA THR B 149 -2.56 13.58 -12.06
C THR B 149 -3.88 14.29 -11.84
N GLY B 150 -3.85 15.32 -10.97
CA GLY B 150 -4.95 16.25 -10.71
C GLY B 150 -6.14 15.70 -9.94
N PHE B 151 -5.94 14.56 -9.25
CA PHE B 151 -7.03 13.93 -8.55
C PHE B 151 -7.14 14.23 -7.07
N TYR B 152 -8.33 14.11 -6.54
CA TYR B 152 -8.58 14.33 -5.13
C TYR B 152 -9.89 13.63 -4.77
N PRO B 153 -9.97 12.85 -3.67
CA PRO B 153 -8.92 12.53 -2.67
C PRO B 153 -7.82 11.57 -3.20
N ASP B 154 -6.81 11.25 -2.34
CA ASP B 154 -5.58 10.50 -2.64
C ASP B 154 -5.51 8.97 -2.57
N HIS B 155 -6.60 8.21 -2.66
CA HIS B 155 -6.36 6.78 -2.49
C HIS B 155 -6.74 5.90 -3.68
N VAL B 156 -6.17 6.20 -4.87
CA VAL B 156 -6.42 5.52 -6.13
C VAL B 156 -5.71 4.14 -6.28
N GLU B 157 -6.17 3.31 -7.22
CA GLU B 157 -5.59 2.00 -7.50
C GLU B 157 -5.13 1.97 -8.96
N LEU B 158 -3.83 2.01 -9.14
CA LEU B 158 -3.24 2.02 -10.48
C LEU B 158 -2.83 0.58 -10.87
N SER B 159 -3.15 0.18 -12.10
CA SER B 159 -2.76 -1.14 -12.62
C SER B 159 -2.26 -1.08 -14.07
N TRP B 160 -1.50 -2.07 -14.45
CA TRP B 160 -0.96 -2.22 -15.80
C TRP B 160 -1.60 -3.43 -16.46
N TRP B 161 -1.97 -3.28 -17.72
CA TRP B 161 -2.64 -4.30 -18.55
C TRP B 161 -1.85 -4.45 -19.83
N VAL B 162 -1.34 -5.66 -20.06
CA VAL B 162 -0.55 -5.98 -21.26
C VAL B 162 -1.34 -7.04 -22.01
N ASN B 163 -1.64 -6.77 -23.30
CA ASN B 163 -2.48 -7.69 -24.11
C ASN B 163 -3.78 -8.14 -23.40
N GLY B 164 -4.42 -7.18 -22.73
CA GLY B 164 -5.68 -7.33 -22.01
C GLY B 164 -5.66 -8.08 -20.70
N LYS B 165 -4.46 -8.33 -20.16
CA LYS B 165 -4.25 -9.06 -18.92
C LYS B 165 -3.51 -8.22 -17.93
N GLU B 166 -3.98 -8.17 -16.66
CA GLU B 166 -3.28 -7.40 -15.64
C GLU B 166 -1.93 -8.04 -15.33
N VAL B 167 -0.87 -7.22 -15.29
CA VAL B 167 0.50 -7.73 -14.99
C VAL B 167 1.01 -7.15 -13.67
N HIS B 168 1.93 -7.86 -13.03
CA HIS B 168 2.54 -7.46 -11.76
C HIS B 168 4.08 -7.56 -11.90
N SER B 169 4.53 -8.49 -12.74
CA SER B 169 5.95 -8.62 -13.05
C SER B 169 6.43 -7.33 -13.78
N GLY B 170 7.58 -6.82 -13.33
CA GLY B 170 8.20 -5.63 -13.93
C GLY B 170 7.55 -4.31 -13.55
N VAL B 171 6.67 -4.32 -12.52
CA VAL B 171 5.92 -3.13 -12.09
C VAL B 171 6.35 -2.62 -10.74
N CYS B 172 6.40 -1.31 -10.60
CA CYS B 172 6.45 -0.68 -9.29
C CYS B 172 5.73 0.64 -9.30
N THR B 173 4.84 0.81 -8.33
CA THR B 173 4.03 2.02 -8.22
C THR B 173 4.43 2.75 -6.95
N ASP B 174 4.45 4.12 -6.98
CA ASP B 174 4.76 4.93 -5.78
C ASP B 174 3.79 4.49 -4.67
N PRO B 175 4.31 4.20 -3.47
CA PRO B 175 3.42 3.75 -2.38
C PRO B 175 2.48 4.87 -1.91
N GLN B 176 2.88 6.15 -2.15
CA GLN B 176 2.09 7.31 -1.80
C GLN B 176 2.09 8.35 -2.94
N PRO B 177 0.94 9.01 -3.20
CA PRO B 177 0.94 10.11 -4.18
C PRO B 177 1.63 11.37 -3.63
N LEU B 178 2.00 12.28 -4.52
CA LEU B 178 2.61 13.55 -4.11
C LEU B 178 1.56 14.65 -4.24
N LYS B 179 1.72 15.76 -3.49
CA LYS B 179 0.79 16.90 -3.56
C LYS B 179 1.26 17.85 -4.62
N GLU B 180 0.37 18.15 -5.59
CA GLU B 180 0.68 19.08 -6.67
C GLU B 180 0.88 20.52 -6.12
N GLN B 181 0.22 20.85 -5.01
CA GLN B 181 0.33 22.16 -4.36
C GLN B 181 0.40 21.90 -2.85
N PRO B 182 1.59 21.50 -2.30
CA PRO B 182 1.67 21.12 -0.87
C PRO B 182 1.04 22.08 0.14
N ALA B 183 1.16 23.41 -0.11
CA ALA B 183 0.64 24.49 0.74
C ALA B 183 -0.89 24.55 0.87
N LEU B 184 -1.64 23.92 -0.06
CA LEU B 184 -3.11 23.88 -0.05
C LEU B 184 -3.59 22.61 0.67
N ASN B 185 -4.62 22.75 1.53
CA ASN B 185 -5.16 21.62 2.29
C ASN B 185 -5.98 20.62 1.46
N ASP B 186 -6.57 21.09 0.34
CA ASP B 186 -7.37 20.26 -0.56
C ASP B 186 -6.57 19.99 -1.85
N SER B 187 -5.22 20.07 -1.77
CA SER B 187 -4.35 19.90 -2.93
C SER B 187 -4.67 18.66 -3.75
N ARG B 188 -4.66 18.81 -5.08
CA ARG B 188 -4.79 17.64 -5.97
C ARG B 188 -3.49 16.84 -5.83
N TYR B 189 -3.53 15.57 -6.25
CA TYR B 189 -2.39 14.65 -6.12
C TYR B 189 -1.88 14.10 -7.44
N ALA B 190 -0.62 13.62 -7.44
CA ALA B 190 -0.05 12.97 -8.61
C ALA B 190 0.56 11.64 -8.16
N LEU B 191 0.45 10.64 -9.01
CA LEU B 191 0.96 9.30 -8.68
C LEU B 191 1.64 8.72 -9.93
N SER B 192 2.80 8.07 -9.76
CA SER B 192 3.51 7.48 -10.89
C SER B 192 3.74 6.00 -10.68
N SER B 193 3.99 5.28 -11.78
CA SER B 193 4.23 3.85 -11.82
C SER B 193 5.13 3.55 -13.02
N ARG B 194 5.82 2.43 -12.94
CA ARG B 194 6.70 1.97 -14.02
C ARG B 194 6.38 0.52 -14.34
N LEU B 195 6.48 0.19 -15.63
CA LEU B 195 6.38 -1.15 -16.15
C LEU B 195 7.57 -1.31 -17.06
N ARG B 196 8.40 -2.30 -16.74
CA ARG B 196 9.62 -2.59 -17.49
C ARG B 196 9.51 -3.92 -18.17
N VAL B 197 9.79 -3.95 -19.46
CA VAL B 197 9.73 -5.15 -20.28
C VAL B 197 11.05 -5.24 -21.09
N SER B 198 11.28 -6.36 -21.76
CA SER B 198 12.47 -6.49 -22.63
C SER B 198 12.26 -5.57 -23.85
N ALA B 199 13.37 -5.13 -24.46
CA ALA B 199 13.32 -4.28 -25.66
C ALA B 199 12.56 -5.03 -26.80
N THR B 200 12.83 -6.34 -26.96
CA THR B 200 12.20 -7.22 -27.95
C THR B 200 10.67 -7.20 -27.78
N PHE B 201 10.20 -7.25 -26.52
CA PHE B 201 8.78 -7.23 -26.20
C PHE B 201 8.13 -5.88 -26.58
N TRP B 202 8.80 -4.76 -26.25
CA TRP B 202 8.31 -3.44 -26.58
C TRP B 202 8.31 -3.24 -28.09
N GLN B 203 9.31 -3.81 -28.81
CA GLN B 203 9.45 -3.63 -30.26
C GLN B 203 8.49 -4.47 -31.11
N ASN B 204 7.67 -5.32 -30.49
CA ASN B 204 6.64 -6.09 -31.18
C ASN B 204 5.44 -5.11 -31.33
N PRO B 205 5.14 -4.66 -32.56
CA PRO B 205 4.06 -3.66 -32.75
C PRO B 205 2.64 -4.09 -32.38
N ARG B 206 2.43 -5.40 -32.18
CA ARG B 206 1.18 -5.99 -31.76
C ARG B 206 1.04 -6.28 -30.24
N ASN B 207 2.06 -5.88 -29.46
CA ASN B 207 1.96 -5.90 -28.01
C ASN B 207 1.26 -4.59 -27.60
N HIS B 208 0.22 -4.70 -26.78
CA HIS B 208 -0.58 -3.56 -26.38
C HIS B 208 -0.40 -3.34 -24.90
N PHE B 209 -0.06 -2.10 -24.50
CA PHE B 209 0.17 -1.71 -23.10
C PHE B 209 -0.86 -0.71 -22.67
N ARG B 210 -1.32 -0.83 -21.43
CA ARG B 210 -2.29 0.12 -20.89
C ARG B 210 -2.11 0.32 -19.41
N CYS B 211 -2.24 1.58 -18.96
CA CYS B 211 -2.24 1.93 -17.55
CA CYS B 211 -2.29 1.80 -17.52
C CYS B 211 -3.66 2.35 -17.17
N GLN B 212 -4.21 1.79 -16.14
CA GLN B 212 -5.58 2.02 -15.69
C GLN B 212 -5.57 2.55 -14.25
N VAL B 213 -6.42 3.55 -13.96
CA VAL B 213 -6.50 4.07 -12.60
C VAL B 213 -7.97 4.00 -12.12
N GLN B 214 -8.20 3.23 -11.06
CA GLN B 214 -9.51 3.13 -10.43
C GLN B 214 -9.56 4.28 -9.44
N PHE B 215 -10.43 5.25 -9.71
CA PHE B 215 -10.59 6.42 -8.84
C PHE B 215 -11.81 6.22 -7.96
N TYR B 216 -11.72 6.62 -6.68
CA TYR B 216 -12.86 6.48 -5.77
C TYR B 216 -13.41 7.84 -5.51
N GLY B 217 -14.68 8.00 -5.86
CA GLY B 217 -15.34 9.27 -5.71
C GLY B 217 -16.78 9.14 -5.28
N LEU B 218 -17.61 9.93 -5.90
CA LEU B 218 -19.03 9.98 -5.59
C LEU B 218 -19.85 8.79 -6.07
N SER B 219 -20.98 8.56 -5.40
CA SER B 219 -21.93 7.51 -5.75
C SER B 219 -23.17 8.16 -6.35
N GLU B 220 -24.11 7.34 -6.89
CA GLU B 220 -25.35 7.85 -7.49
C GLU B 220 -26.16 8.67 -6.48
N ASN B 221 -26.21 8.21 -5.22
CA ASN B 221 -26.90 8.86 -4.12
C ASN B 221 -26.37 10.25 -3.79
N ASP B 222 -25.06 10.50 -3.99
CA ASP B 222 -24.46 11.80 -3.71
C ASP B 222 -25.05 12.89 -4.57
N GLU B 223 -25.46 13.99 -3.92
CA GLU B 223 -26.09 15.14 -4.58
C GLU B 223 -25.00 15.92 -5.35
N TRP B 224 -25.35 16.50 -6.51
CA TRP B 224 -24.37 17.26 -7.30
C TRP B 224 -25.03 18.45 -7.99
N THR B 225 -24.70 19.67 -7.54
CA THR B 225 -25.27 20.91 -8.07
C THR B 225 -24.28 21.78 -8.88
N GLN B 226 -23.04 21.32 -9.07
CA GLN B 226 -22.03 22.07 -9.83
C GLN B 226 -22.22 21.91 -11.34
N ASP B 227 -21.62 22.84 -12.14
CA ASP B 227 -21.69 22.79 -13.60
C ASP B 227 -20.86 21.63 -14.16
N ARG B 228 -19.69 21.35 -13.54
CA ARG B 228 -18.85 20.26 -14.01
C ARG B 228 -19.48 18.88 -13.80
N ALA B 229 -18.99 17.89 -14.54
CA ALA B 229 -19.43 16.51 -14.44
C ALA B 229 -19.26 16.01 -13.01
N LYS B 230 -20.26 15.26 -12.54
CA LYS B 230 -20.22 14.73 -11.17
C LYS B 230 -18.96 13.80 -11.08
N PRO B 231 -18.08 14.04 -10.09
CA PRO B 231 -16.85 13.22 -9.99
C PRO B 231 -17.11 11.85 -9.35
N VAL B 232 -17.83 10.99 -10.08
CA VAL B 232 -18.16 9.64 -9.65
C VAL B 232 -16.92 8.73 -9.62
N THR B 233 -17.03 7.62 -8.86
CA THR B 233 -16.05 6.53 -8.87
C THR B 233 -15.98 6.08 -10.33
N GLN B 234 -14.76 5.98 -10.88
CA GLN B 234 -14.59 5.70 -12.30
C GLN B 234 -13.19 5.20 -12.57
N ILE B 235 -13.02 4.63 -13.76
CA ILE B 235 -11.73 4.20 -14.26
C ILE B 235 -11.30 5.17 -15.38
N VAL B 236 -10.03 5.63 -15.30
CA VAL B 236 -9.39 6.51 -16.28
C VAL B 236 -8.17 5.72 -16.81
N SER B 237 -7.99 5.69 -18.14
CA SER B 237 -6.88 4.89 -18.69
C SER B 237 -6.10 5.64 -19.77
N ALA B 238 -4.92 5.15 -20.08
CA ALA B 238 -4.11 5.64 -21.20
C ALA B 238 -3.44 4.38 -21.74
N GLU B 239 -3.13 4.36 -23.03
CA GLU B 239 -2.54 3.20 -23.71
C GLU B 239 -1.40 3.56 -24.67
N ALA B 240 -0.62 2.54 -25.03
CA ALA B 240 0.47 2.62 -26.00
C ALA B 240 0.66 1.25 -26.65
N TRP B 241 0.91 1.24 -27.96
CA TRP B 241 1.23 -0.01 -28.64
C TRP B 241 2.76 -0.04 -28.78
N GLY B 242 3.32 -1.26 -28.84
CA GLY B 242 4.74 -1.45 -29.08
C GLY B 242 5.16 -0.84 -30.40
N ARG B 243 6.43 -0.51 -30.56
CA ARG B 243 6.93 0.14 -31.79
C ARG B 243 8.21 -0.54 -32.30
N ALA B 244 8.23 -0.90 -33.58
CA ALA B 244 9.43 -1.47 -34.18
C ALA B 244 10.45 -0.32 -34.29
N ASP B 245 10.02 0.85 -34.81
CA ASP B 245 10.80 2.09 -35.01
C ASP B 245 9.90 3.26 -35.41
#